data_3D5I
#
_entry.id   3D5I
#
_cell.length_a   101.221
_cell.length_b   66.775
_cell.length_c   57.070
_cell.angle_alpha   90.00
_cell.angle_beta   100.80
_cell.angle_gamma   90.00
#
_symmetry.space_group_name_H-M   'C 1 2 1'
#
loop_
_entity.id
_entity.type
_entity.pdbx_description
1 polymer Ribonuclease
2 non-polymer 'SULFATE ION'
3 non-polymer "GUANOSINE-2',3'-CYCLOPHOSPHOROTHIOATE"
4 water water
#
_entity_poly.entity_id   1
_entity_poly.type   'polypeptide(L)'
_entity_poly.pdbx_seq_one_letter_code
;ADPALADVCRTKLPSQAQDTLALIAKNGPYPYNRDGVVFENRESRLPKKGNGYYHEFTVVTPGSNDRGTRRVVTGGYGEQ
YWSPDHYATFQEIDPRC
;
_entity_poly.pdbx_strand_id   A,B,C
#
loop_
_chem_comp.id
_chem_comp.type
_chem_comp.name
_chem_comp.formula
SGP non-polymer GUANOSINE-2',3'-CYCLOPHOSPHOROTHIOATE 'C10 H12 N5 O6 P S'
SO4 non-polymer 'SULFATE ION' 'O4 S -2'
#
# COMPACT_ATOMS: atom_id res chain seq x y z
N ALA A 4 -20.60 7.09 24.63
CA ALA A 4 -20.52 6.61 23.23
C ALA A 4 -20.42 7.78 22.24
N LEU A 5 -20.86 7.52 21.00
CA LEU A 5 -21.09 8.51 19.92
C LEU A 5 -22.45 9.21 20.09
N ALA A 6 -22.60 10.38 19.47
CA ALA A 6 -23.90 11.06 19.43
C ALA A 6 -24.96 10.24 18.64
N ASP A 7 -26.22 10.36 19.09
CA ASP A 7 -27.39 9.73 18.46
C ASP A 7 -28.00 10.81 17.56
N VAL A 8 -28.60 10.41 16.45
CA VAL A 8 -29.32 11.34 15.57
C VAL A 8 -30.57 10.62 15.02
N CYS A 9 -31.67 11.36 15.00
CA CYS A 9 -32.93 10.82 14.54
C CYS A 9 -32.88 10.66 13.06
N ARG A 10 -33.36 9.53 12.57
CA ARG A 10 -33.39 9.26 11.16
C ARG A 10 -34.12 10.37 10.39
N THR A 11 -35.25 10.86 10.91
CA THR A 11 -36.04 11.92 10.23
C THR A 11 -35.36 13.31 10.22
N LYS A 12 -34.31 13.47 11.00
CA LYS A 12 -33.53 14.73 11.07
C LYS A 12 -32.40 14.78 10.04
N LEU A 13 -32.05 13.63 9.47
CA LEU A 13 -30.95 13.54 8.53
C LEU A 13 -31.39 14.15 7.21
N PRO A 14 -30.43 14.58 6.38
CA PRO A 14 -30.75 15.02 5.04
C PRO A 14 -31.60 13.99 4.30
N SER A 15 -32.49 14.48 3.44
CA SER A 15 -33.30 13.65 2.55
C SER A 15 -32.48 12.58 1.83
N GLN A 16 -31.27 12.94 1.40
CA GLN A 16 -30.44 12.01 0.69
C GLN A 16 -29.90 10.90 1.59
N ALA A 17 -29.69 11.18 2.88
CA ALA A 17 -29.18 10.17 3.80
C ALA A 17 -30.27 9.12 4.02
N GLN A 18 -31.51 9.62 4.15
CA GLN A 18 -32.67 8.77 4.30
C GLN A 18 -32.88 7.92 3.05
N ASP A 19 -32.66 8.50 1.87
CA ASP A 19 -32.69 7.76 0.61
C ASP A 19 -31.70 6.56 0.64
N THR A 20 -30.50 6.81 1.12
CA THR A 20 -29.51 5.76 1.28
C THR A 20 -29.96 4.69 2.24
N LEU A 21 -30.50 5.09 3.38
CA LEU A 21 -31.07 4.13 4.32
C LEU A 21 -32.10 3.20 3.68
N ALA A 22 -32.93 3.75 2.79
CA ALA A 22 -34.00 3.02 2.13
C ALA A 22 -33.43 2.06 1.04
N LEU A 23 -32.44 2.50 0.29
CA LEU A 23 -31.76 1.62 -0.67
C LEU A 23 -31.07 0.49 -0.03
N ILE A 24 -30.43 0.74 1.12
CA ILE A 24 -29.80 -0.33 1.91
C ILE A 24 -30.87 -1.34 2.36
N ALA A 25 -32.01 -0.85 2.85
CA ALA A 25 -33.09 -1.76 3.31
C ALA A 25 -33.54 -2.59 2.13
N LYS A 26 -33.44 -2.01 0.93
CA LYS A 26 -33.88 -2.62 -0.35
C LYS A 26 -32.81 -3.48 -1.06
N ASN A 27 -31.58 -3.46 -0.54
CA ASN A 27 -30.37 -4.01 -1.16
C ASN A 27 -30.12 -3.46 -2.59
N GLY A 28 -30.26 -2.16 -2.73
CA GLY A 28 -29.93 -1.54 -3.98
C GLY A 28 -31.08 -1.71 -4.95
N PRO A 29 -30.77 -1.65 -6.26
CA PRO A 29 -29.46 -1.32 -6.85
C PRO A 29 -28.88 0.05 -6.43
N TYR A 30 -27.56 0.12 -6.29
CA TYR A 30 -26.91 1.31 -5.73
C TYR A 30 -26.35 2.19 -6.83
N PRO A 31 -26.29 3.51 -6.59
CA PRO A 31 -25.73 4.43 -7.58
C PRO A 31 -24.22 4.39 -7.82
N TYR A 32 -23.42 3.90 -6.88
CA TYR A 32 -21.97 3.93 -7.08
C TYR A 32 -21.38 2.54 -7.00
N ASN A 33 -20.36 2.31 -7.83
CA ASN A 33 -19.62 1.05 -7.80
C ASN A 33 -19.02 0.74 -6.41
N ARG A 34 -18.64 1.77 -5.64
CA ARG A 34 -18.10 1.55 -4.27
C ARG A 34 -19.13 1.37 -3.16
N ASP A 35 -20.42 1.49 -3.50
CA ASP A 35 -21.46 1.28 -2.51
C ASP A 35 -21.43 -0.17 -2.02
N GLY A 36 -21.38 -0.34 -0.69
CA GLY A 36 -21.29 -1.67 -0.09
C GLY A 36 -19.90 -2.26 0.13
N VAL A 37 -18.84 -1.54 -0.18
CA VAL A 37 -17.53 -2.05 0.18
C VAL A 37 -17.34 -1.97 1.73
N VAL A 38 -16.57 -2.91 2.26
CA VAL A 38 -16.19 -2.97 3.66
C VAL A 38 -15.55 -1.63 4.16
N PHE A 39 -16.02 -1.21 5.33
CA PHE A 39 -15.38 -0.16 6.09
C PHE A 39 -14.64 -0.80 7.27
N GLU A 40 -13.32 -0.55 7.36
CA GLU A 40 -12.47 -1.23 8.34
C GLU A 40 -12.35 -0.53 9.72
N ASN A 41 -12.92 0.66 9.89
CA ASN A 41 -12.99 1.33 11.21
C ASN A 41 -11.58 1.38 11.82
N ARG A 42 -10.63 1.74 10.97
CA ARG A 42 -9.22 1.74 11.32
C ARG A 42 -8.89 2.76 12.44
N GLU A 43 -9.75 3.74 12.64
CA GLU A 43 -9.56 4.73 13.70
C GLU A 43 -10.37 4.37 14.95
N SER A 44 -11.05 3.22 14.94
CA SER A 44 -11.86 2.80 16.09
C SER A 44 -12.93 3.86 16.54
N ARG A 45 -13.46 4.65 15.62
CA ARG A 45 -14.55 5.58 15.94
C ARG A 45 -15.90 4.88 16.11
N LEU A 46 -16.09 3.74 15.46
CA LEU A 46 -17.24 2.88 15.69
C LEU A 46 -16.84 1.81 16.69
N PRO A 47 -17.81 1.17 17.34
CA PRO A 47 -17.47 0.02 18.19
C PRO A 47 -16.58 -1.01 17.49
N LYS A 48 -15.60 -1.55 18.20
CA LYS A 48 -14.63 -2.42 17.58
C LYS A 48 -15.20 -3.82 17.44
N LYS A 49 -15.10 -4.35 16.23
CA LYS A 49 -15.66 -5.67 15.86
C LYS A 49 -14.66 -6.39 15.00
N GLY A 50 -15.03 -7.56 14.50
CA GLY A 50 -14.15 -8.31 13.61
C GLY A 50 -14.11 -7.77 12.21
N ASN A 51 -13.30 -8.40 11.37
CA ASN A 51 -13.13 -7.92 10.03
C ASN A 51 -14.44 -8.08 9.22
N GLY A 52 -14.71 -7.13 8.34
CA GLY A 52 -15.90 -7.19 7.49
C GLY A 52 -17.21 -6.89 8.19
N TYR A 53 -17.19 -6.37 9.43
CA TYR A 53 -18.44 -6.08 10.19
C TYR A 53 -19.21 -4.88 9.61
N TYR A 54 -18.44 -3.89 9.14
CA TYR A 54 -18.98 -2.62 8.64
C TYR A 54 -18.89 -2.50 7.11
N HIS A 55 -19.94 -1.92 6.51
CA HIS A 55 -19.91 -1.57 5.09
C HIS A 55 -20.32 -0.13 4.92
N GLU A 56 -19.83 0.51 3.86
CA GLU A 56 -20.12 1.92 3.63
C GLU A 56 -20.98 2.13 2.37
N PHE A 57 -21.84 3.15 2.42
CA PHE A 57 -22.72 3.53 1.32
C PHE A 57 -22.72 5.03 1.12
N THR A 58 -22.66 5.46 -0.13
CA THR A 58 -22.67 6.90 -0.46
C THR A 58 -24.04 7.52 -0.20
N VAL A 59 -24.04 8.66 0.47
CA VAL A 59 -25.18 9.56 0.52
C VAL A 59 -24.93 10.61 -0.58
N VAL A 60 -25.82 10.67 -1.58
CA VAL A 60 -25.63 11.59 -2.70
C VAL A 60 -25.51 13.03 -2.20
N THR A 61 -24.55 13.75 -2.79
CA THR A 61 -24.46 15.20 -2.61
C THR A 61 -24.78 15.87 -3.92
N PRO A 62 -25.92 16.60 -3.97
CA PRO A 62 -26.22 17.48 -5.09
C PRO A 62 -24.99 18.31 -5.37
N GLY A 63 -24.11 17.80 -6.24
CA GLY A 63 -22.79 18.43 -6.44
C GLY A 63 -22.42 18.67 -7.89
N ASP A 66 -17.57 15.28 -6.86
CA ASP A 66 -18.80 14.84 -7.51
C ASP A 66 -19.46 13.66 -6.77
N ARG A 67 -18.67 12.73 -6.21
CA ARG A 67 -19.25 11.68 -5.35
C ARG A 67 -19.44 12.18 -3.91
N GLY A 68 -18.46 12.96 -3.44
CA GLY A 68 -18.58 13.69 -2.16
C GLY A 68 -18.18 12.88 -0.94
N THR A 69 -18.46 13.42 0.23
CA THR A 69 -17.89 12.91 1.46
C THR A 69 -18.90 12.20 2.36
N ARG A 70 -20.17 12.22 1.99
CA ARG A 70 -21.24 11.84 2.91
C ARG A 70 -21.52 10.36 2.81
N ARG A 71 -21.68 9.71 3.95
CA ARG A 71 -21.80 8.25 3.98
C ARG A 71 -22.77 7.76 5.05
N VAL A 72 -23.36 6.60 4.81
CA VAL A 72 -23.90 5.73 5.86
C VAL A 72 -22.99 4.51 6.02
N VAL A 73 -22.68 4.14 7.25
CA VAL A 73 -22.01 2.88 7.52
C VAL A 73 -22.97 1.95 8.29
N THR A 74 -23.04 0.70 7.88
CA THR A 74 -23.89 -0.29 8.52
C THR A 74 -23.00 -1.28 9.27
N GLY A 75 -23.54 -1.88 10.33
CA GLY A 75 -22.92 -3.01 11.02
C GLY A 75 -23.60 -4.33 10.64
N GLY A 76 -23.00 -5.43 11.07
CA GLY A 76 -23.53 -6.77 10.83
C GLY A 76 -24.87 -7.20 11.41
N TYR A 77 -25.38 -6.49 12.43
CA TYR A 77 -26.71 -6.78 13.01
C TYR A 77 -27.71 -5.64 12.73
N GLY A 78 -27.35 -4.70 11.85
CA GLY A 78 -28.28 -3.68 11.38
C GLY A 78 -28.08 -2.30 11.98
N GLU A 79 -26.97 -2.11 12.68
CA GLU A 79 -26.54 -0.77 13.15
C GLU A 79 -26.37 0.13 11.95
N GLN A 80 -26.80 1.39 12.07
CA GLN A 80 -26.62 2.41 11.03
C GLN A 80 -25.99 3.68 11.63
N TYR A 81 -25.00 4.21 10.94
CA TYR A 81 -24.25 5.36 11.40
C TYR A 81 -24.15 6.40 10.29
N TRP A 82 -24.25 7.67 10.68
CA TRP A 82 -24.12 8.79 9.77
C TRP A 82 -22.69 9.42 9.87
N SER A 83 -22.10 9.70 8.70
CA SER A 83 -20.87 10.47 8.60
C SER A 83 -20.94 11.40 7.40
N PRO A 84 -20.97 12.72 7.64
CA PRO A 84 -20.98 13.71 6.55
C PRO A 84 -19.59 14.00 5.95
N ASP A 85 -18.55 13.41 6.55
CA ASP A 85 -17.19 13.90 6.38
C ASP A 85 -16.18 12.77 6.18
N HIS A 86 -16.58 11.81 5.34
CA HIS A 86 -15.75 10.68 4.96
C HIS A 86 -15.06 10.04 6.14
N TYR A 87 -15.87 9.75 7.15
CA TYR A 87 -15.50 8.95 8.34
C TYR A 87 -14.69 9.72 9.41
N ALA A 88 -14.63 11.05 9.34
CA ALA A 88 -13.99 11.83 10.42
C ALA A 88 -14.86 11.85 11.69
N THR A 89 -16.18 11.88 11.52
CA THR A 89 -17.12 11.82 12.63
C THR A 89 -18.26 10.84 12.31
N PHE A 90 -18.79 10.21 13.37
CA PHE A 90 -19.92 9.31 13.25
C PHE A 90 -21.02 9.70 14.25
N GLN A 91 -22.27 9.62 13.82
CA GLN A 91 -23.44 9.58 14.73
C GLN A 91 -24.17 8.24 14.53
N GLU A 92 -24.70 7.66 15.60
CA GLU A 92 -25.55 6.46 15.48
C GLU A 92 -26.96 6.93 15.15
N ILE A 93 -27.50 6.39 14.05
CA ILE A 93 -28.84 6.76 13.57
C ILE A 93 -29.87 6.01 14.40
N ASP A 94 -30.78 6.79 15.00
CA ASP A 94 -31.86 6.29 15.83
C ASP A 94 -33.04 6.10 14.89
N PRO A 95 -33.40 4.84 14.58
CA PRO A 95 -34.50 4.62 13.67
C PRO A 95 -35.87 4.92 14.31
N ARG A 96 -35.89 5.20 15.62
CA ARG A 96 -37.17 5.47 16.36
C ARG A 96 -37.72 6.89 16.18
N CYS A 97 -36.95 7.83 15.61
CA CYS A 97 -37.45 9.22 15.50
C CYS A 97 -37.01 9.93 14.23
N ALA B 1 24.48 16.22 -13.79
CA ALA B 1 23.81 14.96 -13.35
C ALA B 1 24.33 13.55 -13.59
N ASP B 2 23.86 12.59 -12.81
CA ASP B 2 24.22 11.18 -13.06
C ASP B 2 23.71 10.79 -14.46
N PRO B 3 24.45 9.93 -15.17
CA PRO B 3 23.95 9.54 -16.48
C PRO B 3 22.60 8.84 -16.34
N ALA B 4 21.65 9.16 -17.19
CA ALA B 4 20.29 8.66 -17.05
C ALA B 4 20.27 7.19 -17.41
N LEU B 5 19.53 6.42 -16.64
CA LEU B 5 19.26 5.04 -16.95
C LEU B 5 17.86 4.88 -17.52
N ALA B 6 17.67 3.87 -18.35
CA ALA B 6 16.34 3.53 -18.82
C ALA B 6 15.49 2.92 -17.71
N ASP B 7 14.19 3.22 -17.73
CA ASP B 7 13.22 2.58 -16.86
C ASP B 7 12.68 1.37 -17.59
N VAL B 8 12.29 0.35 -16.84
CA VAL B 8 11.52 -0.74 -17.41
C VAL B 8 10.41 -1.08 -16.41
N CYS B 9 9.20 -1.26 -16.94
CA CYS B 9 8.05 -1.66 -16.13
C CYS B 9 8.28 -3.04 -15.59
N ARG B 10 7.97 -3.20 -14.31
CA ARG B 10 8.15 -4.47 -13.61
C ARG B 10 7.46 -5.63 -14.36
N THR B 11 6.23 -5.42 -14.87
CA THR B 11 5.51 -6.50 -15.59
C THR B 11 6.03 -6.80 -17.00
N LYS B 12 6.88 -5.93 -17.54
CA LYS B 12 7.56 -6.18 -18.81
C LYS B 12 8.91 -6.88 -18.63
N LEU B 13 9.33 -7.11 -17.37
CA LEU B 13 10.53 -7.89 -17.07
C LEU B 13 10.29 -9.36 -17.35
N PRO B 14 11.37 -10.13 -17.63
CA PRO B 14 11.26 -11.59 -17.73
C PRO B 14 10.59 -12.14 -16.47
N SER B 15 9.79 -13.19 -16.59
CA SER B 15 9.00 -13.68 -15.46
C SER B 15 9.91 -14.12 -14.34
N GLN B 16 11.04 -14.68 -14.76
CA GLN B 16 12.08 -15.11 -13.85
C GLN B 16 12.69 -13.90 -13.08
N ALA B 17 12.80 -12.75 -13.73
CA ALA B 17 13.19 -11.50 -13.03
C ALA B 17 12.15 -11.04 -12.02
N GLN B 18 10.87 -11.13 -12.39
CA GLN B 18 9.78 -10.86 -11.45
C GLN B 18 9.76 -11.83 -10.26
N ASP B 19 10.17 -13.07 -10.47
CA ASP B 19 10.23 -14.04 -9.37
C ASP B 19 11.27 -13.62 -8.34
N THR B 20 12.42 -13.16 -8.79
CA THR B 20 13.50 -12.71 -7.88
C THR B 20 13.02 -11.54 -7.03
N LEU B 21 12.30 -10.60 -7.64
CA LEU B 21 11.76 -9.46 -6.93
C LEU B 21 10.82 -9.93 -5.82
N ALA B 22 9.98 -10.91 -6.13
CA ALA B 22 9.08 -11.51 -5.16
C ALA B 22 9.82 -12.20 -4.00
N LEU B 23 10.92 -12.91 -4.31
CA LEU B 23 11.80 -13.47 -3.30
C LEU B 23 12.44 -12.41 -2.41
N ILE B 24 12.92 -11.33 -3.04
CA ILE B 24 13.47 -10.18 -2.32
C ILE B 24 12.42 -9.59 -1.38
N ALA B 25 11.22 -9.34 -1.91
CA ALA B 25 10.07 -8.92 -1.09
C ALA B 25 9.79 -9.87 0.12
N LYS B 26 9.90 -11.18 -0.11
CA LYS B 26 9.77 -12.19 0.96
C LYS B 26 11.00 -12.24 1.90
N ASN B 27 12.08 -11.56 1.54
CA ASN B 27 13.42 -11.74 2.16
C ASN B 27 13.91 -13.18 2.14
N GLY B 28 13.89 -13.80 0.98
CA GLY B 28 14.32 -15.18 0.83
C GLY B 28 13.28 -16.20 1.27
N PRO B 29 13.67 -17.48 1.32
CA PRO B 29 15.06 -17.94 1.24
C PRO B 29 15.52 -17.96 -0.21
N TYR B 30 16.80 -17.69 -0.45
CA TYR B 30 17.30 -17.55 -1.81
C TYR B 30 17.89 -18.87 -2.31
N PRO B 31 17.84 -19.08 -3.64
CA PRO B 31 18.45 -20.28 -4.22
C PRO B 31 19.97 -20.29 -4.15
N TYR B 32 20.62 -19.12 -4.22
CA TYR B 32 22.08 -19.03 -4.18
C TYR B 32 22.60 -18.41 -2.90
N ASN B 33 23.74 -18.94 -2.44
CA ASN B 33 24.40 -18.42 -1.25
C ASN B 33 24.91 -16.99 -1.48
N ARG B 34 25.24 -16.65 -2.73
CA ARG B 34 25.64 -15.28 -3.06
C ARG B 34 24.50 -14.28 -3.27
N ASP B 35 23.25 -14.73 -3.21
CA ASP B 35 22.12 -13.81 -3.24
C ASP B 35 22.13 -12.90 -2.02
N GLY B 36 22.04 -11.60 -2.27
CA GLY B 36 22.09 -10.60 -1.24
C GLY B 36 23.44 -10.08 -0.85
N VAL B 37 24.54 -10.57 -1.44
CA VAL B 37 25.86 -9.98 -1.17
C VAL B 37 25.88 -8.54 -1.67
N VAL B 38 26.69 -7.71 -1.01
CA VAL B 38 26.82 -6.29 -1.36
C VAL B 38 27.34 -6.10 -2.79
N PHE B 39 26.68 -5.23 -3.54
CA PHE B 39 27.13 -4.79 -4.83
C PHE B 39 27.84 -3.46 -4.60
N GLU B 40 29.13 -3.44 -4.89
CA GLU B 40 30.00 -2.33 -4.53
C GLU B 40 29.84 -1.11 -5.43
N ASN B 41 29.28 -1.31 -6.63
CA ASN B 41 29.09 -0.26 -7.64
C ASN B 41 30.42 0.38 -8.08
N ARG B 42 31.42 -0.47 -8.31
CA ARG B 42 32.78 -0.05 -8.62
C ARG B 42 32.85 0.79 -9.89
N GLU B 43 32.11 0.36 -10.90
CA GLU B 43 32.14 0.98 -12.20
C GLU B 43 31.30 2.28 -12.30
N SER B 44 30.65 2.68 -11.20
CA SER B 44 29.83 3.91 -11.17
C SER B 44 28.68 3.92 -12.20
N ARG B 45 28.21 2.73 -12.55
CA ARG B 45 27.08 2.59 -13.47
C ARG B 45 25.76 2.94 -12.80
N LEU B 46 25.72 2.84 -11.47
CA LEU B 46 24.58 3.28 -10.68
C LEU B 46 24.93 4.53 -9.86
N PRO B 47 23.91 5.28 -9.41
CA PRO B 47 24.21 6.49 -8.61
C PRO B 47 25.12 6.17 -7.42
N LYS B 48 26.16 6.98 -7.26
CA LYS B 48 27.15 6.83 -6.19
C LYS B 48 26.47 7.01 -4.85
N LYS B 49 26.57 6.00 -4.00
CA LYS B 49 25.94 6.02 -2.68
C LYS B 49 26.93 5.58 -1.64
N GLY B 50 26.52 5.52 -0.38
CA GLY B 50 27.41 5.08 0.70
C GLY B 50 27.65 3.58 0.68
N ASN B 51 28.62 3.14 1.46
CA ASN B 51 28.99 1.73 1.57
C ASN B 51 27.82 0.83 2.03
N GLY B 52 27.62 -0.28 1.33
CA GLY B 52 26.53 -1.24 1.65
C GLY B 52 25.12 -0.89 1.20
N TYR B 53 24.99 0.16 0.37
CA TYR B 53 23.69 0.61 -0.16
C TYR B 53 23.05 -0.39 -1.12
N TYR B 54 23.89 -1.07 -1.89
CA TYR B 54 23.42 -1.92 -2.96
C TYR B 54 23.77 -3.37 -2.63
N HIS B 55 22.86 -4.26 -3.04
CA HIS B 55 22.97 -5.69 -2.86
C HIS B 55 22.51 -6.32 -4.16
N GLU B 56 23.07 -7.46 -4.51
CA GLU B 56 22.79 -8.14 -5.78
C GLU B 56 22.16 -9.50 -5.54
N PHE B 57 21.32 -9.89 -6.49
CA PHE B 57 20.54 -11.11 -6.43
C PHE B 57 20.53 -11.73 -7.81
N THR B 58 20.71 -13.03 -7.85
CA THR B 58 20.70 -13.78 -9.10
C THR B 58 19.29 -13.95 -9.67
N VAL B 59 19.16 -13.74 -10.99
CA VAL B 59 17.93 -14.03 -11.69
C VAL B 59 18.17 -15.20 -12.62
N VAL B 60 17.30 -16.20 -12.52
CA VAL B 60 17.44 -17.46 -13.26
C VAL B 60 17.31 -17.30 -14.76
N THR B 61 18.32 -17.79 -15.51
CA THR B 61 18.18 -17.88 -16.95
C THR B 61 17.65 -19.29 -17.28
N PRO B 62 16.54 -19.36 -18.05
CA PRO B 62 15.84 -20.63 -18.25
C PRO B 62 16.57 -21.58 -19.19
N GLY B 63 16.44 -22.89 -18.90
CA GLY B 63 17.03 -23.93 -19.72
C GLY B 63 18.23 -24.57 -19.06
N SER B 64 19.39 -23.91 -19.16
CA SER B 64 20.66 -24.46 -18.67
C SER B 64 20.84 -24.09 -17.21
N ASN B 65 21.69 -24.83 -16.50
CA ASN B 65 21.87 -24.63 -15.07
C ASN B 65 23.04 -23.70 -14.72
N ASP B 66 23.45 -22.87 -15.69
CA ASP B 66 24.35 -21.77 -15.40
C ASP B 66 23.66 -20.80 -14.43
N ARG B 67 24.40 -20.29 -13.45
CA ARG B 67 23.86 -19.27 -12.55
C ARG B 67 23.41 -18.10 -13.41
N GLY B 68 24.32 -17.66 -14.29
CA GLY B 68 23.97 -16.80 -15.42
C GLY B 68 24.56 -15.40 -15.36
N THR B 69 24.00 -14.54 -16.20
CA THR B 69 24.37 -13.12 -16.25
C THR B 69 23.26 -12.19 -15.76
N ARG B 70 22.05 -12.70 -15.53
CA ARG B 70 20.93 -11.84 -15.14
C ARG B 70 20.90 -11.55 -13.65
N ARG B 71 20.70 -10.29 -13.31
CA ARG B 71 20.78 -9.85 -11.94
C ARG B 71 19.78 -8.75 -11.64
N VAL B 72 19.41 -8.69 -10.37
CA VAL B 72 18.73 -7.57 -9.80
C VAL B 72 19.65 -6.98 -8.73
N VAL B 73 19.77 -5.65 -8.74
CA VAL B 73 20.47 -4.92 -7.70
C VAL B 73 19.43 -4.02 -7.00
N THR B 74 19.42 -4.08 -5.67
CA THR B 74 18.49 -3.31 -4.86
C THR B 74 19.25 -2.16 -4.23
N GLY B 75 18.55 -1.06 -4.00
CA GLY B 75 19.13 0.09 -3.31
C GLY B 75 18.63 0.22 -1.89
N GLY B 76 19.35 0.99 -1.10
CA GLY B 76 18.98 1.22 0.30
C GLY B 76 17.58 1.73 0.62
N TYR B 77 16.86 2.25 -0.37
CA TYR B 77 15.47 2.69 -0.11
C TYR B 77 14.42 1.91 -0.89
N GLY B 78 14.76 0.71 -1.33
CA GLY B 78 13.86 -0.11 -2.14
C GLY B 78 13.87 0.17 -3.63
N GLU B 79 14.84 0.95 -4.10
CA GLU B 79 15.14 1.00 -5.54
C GLU B 79 15.52 -0.39 -5.97
N GLN B 80 15.15 -0.74 -7.21
CA GLN B 80 15.48 -2.02 -7.80
C GLN B 80 15.94 -1.79 -9.25
N TYR B 81 16.97 -2.49 -9.64
CA TYR B 81 17.58 -2.29 -10.93
C TYR B 81 17.72 -3.64 -11.57
N TRP B 82 17.44 -3.67 -12.86
CA TRP B 82 17.52 -4.88 -13.64
C TRP B 82 18.83 -4.78 -14.41
N SER B 83 19.55 -5.90 -14.45
CA SER B 83 20.75 -6.04 -15.23
C SER B 83 20.73 -7.36 -15.97
N PRO B 84 20.40 -7.32 -17.27
CA PRO B 84 20.34 -8.57 -17.99
C PRO B 84 21.74 -9.14 -18.36
N ASP B 85 22.82 -8.37 -18.16
CA ASP B 85 24.14 -8.66 -18.72
C ASP B 85 25.30 -8.61 -17.70
N HIS B 86 25.09 -9.21 -16.54
CA HIS B 86 26.10 -9.24 -15.47
C HIS B 86 26.72 -7.86 -15.17
N TYR B 87 25.85 -6.89 -14.95
CA TYR B 87 26.23 -5.52 -14.55
C TYR B 87 26.87 -4.67 -15.64
N ALA B 88 26.85 -5.12 -16.90
CA ALA B 88 27.29 -4.30 -18.02
C ALA B 88 26.37 -3.06 -18.17
N THR B 89 25.05 -3.27 -18.06
CA THR B 89 24.06 -2.18 -18.05
C THR B 89 22.99 -2.40 -16.99
N PHE B 90 22.29 -1.31 -16.66
CA PHE B 90 21.20 -1.29 -15.70
C PHE B 90 19.99 -0.50 -16.23
N GLN B 91 18.81 -1.08 -16.02
CA GLN B 91 17.55 -0.40 -16.22
C GLN B 91 16.89 -0.30 -14.86
N GLU B 92 16.39 0.87 -14.52
CA GLU B 92 15.69 1.05 -13.25
C GLU B 92 14.25 0.51 -13.35
N ILE B 93 13.90 -0.41 -12.45
CA ILE B 93 12.61 -1.09 -12.49
C ILE B 93 11.50 -0.16 -11.94
N ASP B 94 10.51 0.11 -12.76
CA ASP B 94 9.41 0.95 -12.33
C ASP B 94 8.34 0.02 -11.79
N PRO B 95 8.08 0.10 -10.47
CA PRO B 95 7.15 -0.84 -9.84
C PRO B 95 5.68 -0.48 -10.06
N ARG B 96 5.42 0.68 -10.67
CA ARG B 96 4.06 1.17 -10.87
C ARG B 96 3.36 0.60 -12.11
N CYS B 97 4.12 -0.05 -13.00
CA CYS B 97 3.60 -0.51 -14.28
C CYS B 97 4.10 -1.89 -14.67
N LEU C 5 -4.02 6.48 -8.09
CA LEU C 5 -3.28 7.03 -6.91
C LEU C 5 -2.26 8.11 -7.32
N ALA C 6 -2.22 9.20 -6.55
CA ALA C 6 -1.18 10.20 -6.70
C ALA C 6 0.19 9.58 -6.53
N ASP C 7 1.19 10.28 -7.05
CA ASP C 7 2.56 9.89 -6.90
C ASP C 7 3.27 10.84 -5.97
N VAL C 8 4.26 10.28 -5.31
CA VAL C 8 5.13 11.00 -4.40
C VAL C 8 6.55 10.45 -4.56
N CYS C 9 7.48 11.37 -4.83
CA CYS C 9 8.89 11.06 -4.86
C CYS C 9 9.29 10.68 -3.46
N ARG C 10 10.09 9.63 -3.39
CA ARG C 10 10.63 9.18 -2.12
C ARG C 10 11.36 10.29 -1.37
N THR C 11 12.20 11.05 -2.08
CA THR C 11 12.99 12.12 -1.47
C THR C 11 12.13 13.22 -0.88
N LYS C 12 10.88 13.29 -1.28
CA LYS C 12 9.97 14.32 -0.82
C LYS C 12 9.05 13.84 0.31
N LEU C 13 9.26 12.63 0.81
CA LEU C 13 8.48 12.12 1.95
C LEU C 13 9.07 12.65 3.25
N PRO C 14 8.34 12.56 4.35
CA PRO C 14 8.98 12.91 5.63
C PRO C 14 10.18 12.02 5.93
N SER C 15 11.18 12.56 6.62
CA SER C 15 12.40 11.82 6.92
C SER C 15 12.09 10.51 7.64
N GLN C 16 11.04 10.50 8.47
CA GLN C 16 10.71 9.28 9.20
C GLN C 16 10.13 8.20 8.30
N ALA C 17 9.34 8.60 7.31
CA ALA C 17 8.85 7.65 6.28
C ALA C 17 10.02 7.02 5.49
N GLN C 18 10.98 7.85 5.12
CA GLN C 18 12.23 7.38 4.51
C GLN C 18 13.04 6.40 5.42
N ASP C 19 13.14 6.67 6.72
CA ASP C 19 13.79 5.75 7.67
C ASP C 19 13.12 4.38 7.62
N THR C 20 11.79 4.38 7.62
CA THR C 20 10.99 3.17 7.53
C THR C 20 11.24 2.41 6.23
N LEU C 21 11.29 3.14 5.12
CA LEU C 21 11.59 2.53 3.82
C LEU C 21 12.96 1.83 3.80
N ALA C 22 13.93 2.50 4.40
CA ALA C 22 15.27 1.93 4.57
C ALA C 22 15.20 0.68 5.45
N LEU C 23 14.37 0.72 6.50
CA LEU C 23 14.19 -0.44 7.35
C LEU C 23 13.61 -1.62 6.57
N ILE C 24 12.58 -1.35 5.77
CA ILE C 24 11.97 -2.39 4.95
C ILE C 24 12.98 -2.97 3.93
N ALA C 25 13.75 -2.08 3.28
CA ALA C 25 14.82 -2.46 2.37
C ALA C 25 15.80 -3.45 2.99
N LYS C 26 16.10 -3.31 4.27
CA LYS C 26 17.05 -4.24 4.92
C LYS C 26 16.39 -5.32 5.80
N ASN C 27 15.06 -5.41 5.70
CA ASN C 27 14.28 -6.45 6.34
C ASN C 27 14.29 -6.36 7.84
N GLY C 28 14.17 -5.14 8.34
CA GLY C 28 14.15 -4.88 9.77
C GLY C 28 15.53 -4.79 10.42
N PRO C 29 15.58 -5.06 11.74
CA PRO C 29 14.46 -5.49 12.57
C PRO C 29 13.40 -4.40 12.79
N TYR C 30 12.14 -4.82 12.92
CA TYR C 30 11.03 -3.87 13.04
C TYR C 30 10.65 -3.58 14.51
N PRO C 31 10.62 -2.28 14.88
CA PRO C 31 10.43 -1.80 16.27
C PRO C 31 9.03 -1.85 16.85
N TYR C 32 8.01 -1.78 16.00
CA TYR C 32 6.65 -1.53 16.45
C TYR C 32 5.76 -2.74 16.26
N ASN C 33 4.93 -2.97 17.26
CA ASN C 33 3.88 -3.99 17.22
C ASN C 33 3.15 -3.91 15.90
N ARG C 34 3.04 -5.04 15.20
CA ARG C 34 2.30 -5.15 13.95
C ARG C 34 2.99 -4.58 12.72
N ASP C 35 4.23 -4.08 12.86
CA ASP C 35 5.09 -3.83 11.69
C ASP C 35 5.24 -5.18 11.04
N GLY C 36 4.98 -5.25 9.74
CA GLY C 36 5.14 -6.49 8.99
C GLY C 36 3.88 -7.34 8.84
N VAL C 37 2.76 -6.97 9.46
CA VAL C 37 1.52 -7.76 9.30
C VAL C 37 0.89 -7.56 7.94
N VAL C 38 0.10 -8.54 7.52
CA VAL C 38 -0.63 -8.44 6.25
C VAL C 38 -1.56 -7.22 6.28
N PHE C 39 -1.50 -6.41 5.22
CA PHE C 39 -2.46 -5.33 5.02
C PHE C 39 -3.56 -5.90 4.16
N GLU C 40 -4.76 -6.01 4.73
CA GLU C 40 -5.80 -6.80 4.11
C GLU C 40 -6.44 -6.15 2.85
N ASN C 41 -6.42 -4.82 2.79
CA ASN C 41 -6.91 -4.07 1.62
C ASN C 41 -8.40 -4.24 1.40
N ARG C 42 -9.15 -4.50 2.47
CA ARG C 42 -10.60 -4.73 2.34
C ARG C 42 -11.39 -3.53 1.89
N GLU C 43 -10.88 -2.34 2.19
CA GLU C 43 -11.51 -1.12 1.64
C GLU C 43 -11.12 -0.90 0.20
N SER C 44 -10.33 -1.79 -0.39
CA SER C 44 -9.95 -1.79 -1.82
C SER C 44 -9.43 -0.46 -2.35
N ARG C 45 -8.57 0.20 -1.57
CA ARG C 45 -7.98 1.51 -1.94
C ARG C 45 -6.70 1.36 -2.70
N LEU C 46 -6.10 0.18 -2.60
CA LEU C 46 -4.97 -0.25 -3.39
C LEU C 46 -5.49 -1.27 -4.39
N PRO C 47 -4.72 -1.51 -5.47
CA PRO C 47 -5.10 -2.54 -6.46
C PRO C 47 -5.41 -3.90 -5.84
N LYS C 48 -6.40 -4.60 -6.39
CA LYS C 48 -6.82 -5.88 -5.85
C LYS C 48 -5.74 -6.90 -6.16
N LYS C 49 -5.29 -7.59 -5.11
CA LYS C 49 -4.33 -8.67 -5.25
C LYS C 49 -4.74 -9.82 -4.37
N GLY C 50 -4.03 -10.94 -4.50
CA GLY C 50 -4.23 -12.10 -3.64
C GLY C 50 -4.08 -11.82 -2.15
N ASN C 51 -4.71 -12.65 -1.32
CA ASN C 51 -4.58 -12.54 0.13
C ASN C 51 -3.09 -12.48 0.49
N GLY C 52 -2.74 -11.67 1.48
CA GLY C 52 -1.35 -11.55 1.94
C GLY C 52 -0.31 -10.89 1.03
N TYR C 53 -0.75 -10.16 0.00
CA TYR C 53 0.16 -9.51 -0.96
C TYR C 53 0.81 -8.25 -0.36
N TYR C 54 0.04 -7.59 0.51
CA TYR C 54 0.42 -6.31 1.06
C TYR C 54 0.80 -6.51 2.51
N HIS C 55 1.80 -5.74 2.95
CA HIS C 55 2.23 -5.71 4.32
C HIS C 55 2.30 -4.25 4.77
N GLU C 56 2.05 -4.01 6.05
CA GLU C 56 1.97 -2.65 6.62
C GLU C 56 3.00 -2.40 7.72
N PHE C 57 3.43 -1.14 7.82
CA PHE C 57 4.52 -0.71 8.68
C PHE C 57 4.22 0.66 9.25
N THR C 58 4.57 0.87 10.51
CA THR C 58 4.39 2.16 11.15
C THR C 58 5.53 3.11 10.80
N VAL C 59 5.15 4.34 10.51
CA VAL C 59 6.12 5.43 10.29
C VAL C 59 5.96 6.32 11.51
N VAL C 60 7.07 6.66 12.16
CA VAL C 60 7.03 7.46 13.40
C VAL C 60 6.48 8.89 13.17
N THR C 61 5.65 9.36 14.10
CA THR C 61 5.09 10.72 14.08
C THR C 61 5.58 11.51 15.31
N PRO C 62 6.67 12.28 15.19
CA PRO C 62 7.25 12.95 16.36
C PRO C 62 6.41 14.11 16.97
N ASP C 66 2.09 6.78 21.56
CA ASP C 66 1.12 6.57 20.47
C ASP C 66 1.85 6.09 19.21
N ARG C 67 1.23 5.16 18.47
CA ARG C 67 1.79 4.65 17.19
C ARG C 67 1.46 5.55 15.98
N GLY C 68 0.43 6.39 16.12
CA GLY C 68 0.16 7.47 15.16
C GLY C 68 -0.69 7.07 13.98
N THR C 69 -0.62 7.83 12.89
CA THR C 69 -1.43 7.57 11.71
C THR C 69 -0.63 7.39 10.40
N ARG C 70 0.66 7.76 10.41
CA ARG C 70 1.50 7.59 9.22
C ARG C 70 1.89 6.13 9.05
N ARG C 71 1.78 5.64 7.82
CA ARG C 71 1.99 4.24 7.51
C ARG C 71 2.67 4.09 6.15
N VAL C 72 3.39 2.98 5.98
CA VAL C 72 3.82 2.48 4.67
C VAL C 72 3.16 1.13 4.45
N VAL C 73 2.79 0.89 3.19
CA VAL C 73 2.34 -0.41 2.75
C VAL C 73 3.22 -0.84 1.59
N THR C 74 3.71 -2.09 1.65
CA THR C 74 4.55 -2.66 0.59
C THR C 74 3.75 -3.70 -0.23
N GLY C 75 4.23 -4.00 -1.44
CA GLY C 75 3.61 -5.00 -2.33
C GLY C 75 4.57 -6.16 -2.57
N GLY C 76 4.04 -7.30 -3.03
CA GLY C 76 4.84 -8.51 -3.23
C GLY C 76 5.98 -8.48 -4.25
N TYR C 77 6.00 -7.46 -5.12
CA TYR C 77 7.12 -7.18 -6.05
C TYR C 77 7.91 -5.89 -5.71
N GLY C 78 7.76 -5.38 -4.50
CA GLY C 78 8.59 -4.26 -4.04
C GLY C 78 7.96 -2.89 -4.17
N GLU C 79 6.66 -2.84 -4.46
CA GLU C 79 5.90 -1.58 -4.51
C GLU C 79 5.82 -0.99 -3.10
N GLN C 80 5.80 0.34 -3.02
CA GLN C 80 5.72 1.02 -1.74
C GLN C 80 4.66 2.09 -1.88
N TYR C 81 3.80 2.16 -0.89
CA TYR C 81 2.73 3.13 -0.80
C TYR C 81 2.86 3.86 0.50
N TRP C 82 2.51 5.15 0.46
CA TRP C 82 2.55 6.03 1.59
C TRP C 82 1.14 6.39 2.01
N SER C 83 0.91 6.43 3.31
CA SER C 83 -0.38 6.91 3.83
C SER C 83 -0.15 7.80 5.05
N PRO C 84 -0.46 9.11 4.94
CA PRO C 84 -0.29 10.04 6.06
C PRO C 84 -1.43 10.03 7.07
N ASP C 85 -2.44 9.19 6.84
CA ASP C 85 -3.72 9.29 7.55
C ASP C 85 -4.36 7.92 7.79
N HIS C 86 -3.56 6.94 8.21
CA HIS C 86 -4.10 5.67 8.73
C HIS C 86 -4.84 4.87 7.63
N TYR C 87 -4.24 4.85 6.45
CA TYR C 87 -4.73 4.09 5.30
C TYR C 87 -5.97 4.68 4.69
N ALA C 88 -6.27 5.95 5.00
CA ALA C 88 -7.43 6.64 4.45
C ALA C 88 -7.15 6.93 3.01
N THR C 89 -5.93 7.40 2.74
CA THR C 89 -5.49 7.66 1.36
C THR C 89 -4.08 7.11 1.14
N PHE C 90 -3.77 6.85 -0.14
CA PHE C 90 -2.47 6.30 -0.53
C PHE C 90 -1.86 7.10 -1.68
N GLN C 91 -0.54 7.27 -1.62
CA GLN C 91 0.21 7.75 -2.75
C GLN C 91 1.26 6.69 -3.10
N GLU C 92 1.38 6.33 -4.37
CA GLU C 92 2.42 5.40 -4.75
C GLU C 92 3.76 6.10 -4.73
N ILE C 93 4.69 5.54 -3.97
CA ILE C 93 6.03 6.10 -3.82
C ILE C 93 6.88 5.79 -5.05
N ASP C 94 7.41 6.84 -5.65
CA ASP C 94 8.28 6.74 -6.80
C ASP C 94 9.71 6.66 -6.27
N PRO C 95 10.34 5.48 -6.38
CA PRO C 95 11.64 5.30 -5.76
C PRO C 95 12.78 5.98 -6.55
N ARG C 96 12.50 6.47 -7.77
CA ARG C 96 13.56 7.05 -8.59
C ARG C 96 13.67 8.59 -8.53
N CYS C 97 12.90 9.25 -7.66
CA CYS C 97 13.06 10.70 -7.45
C CYS C 97 12.92 11.08 -5.98
S SO4 D . -14.95 5.36 0.28
O1 SO4 D . -13.72 6.12 0.24
O2 SO4 D . -15.97 6.27 0.75
O3 SO4 D . -14.90 4.23 1.22
O4 SO4 D . -15.24 4.84 -1.02
S SO4 E . -33.80 17.94 3.59
O1 SO4 E . -33.60 18.84 4.73
O2 SO4 E . -34.27 16.68 4.17
O3 SO4 E . -32.56 17.72 2.86
O4 SO4 E . -34.81 18.46 2.69
P SGP F . 28.31 -12.05 -8.83
S1P SGP F . 26.79 -11.39 -9.83
O1P SGP F . 27.96 -13.67 -8.19
O5' SGP F . 32.42 -9.67 -10.74
C5' SGP F . 32.67 -10.76 -9.84
C4' SGP F . 31.63 -10.79 -8.73
O4' SGP F . 31.73 -9.73 -7.77
C3' SGP F . 30.26 -10.65 -9.33
O3' SGP F . 29.67 -11.91 -9.64
C2' SGP F . 29.46 -9.92 -8.26
O2' SGP F . 28.64 -10.95 -7.72
C1' SGP F . 30.43 -9.33 -7.28
N9 SGP F . 30.43 -7.84 -7.16
C8 SGP F . 30.39 -7.15 -5.98
N7 SGP F . 30.48 -5.81 -6.19
C5 SGP F . 30.60 -5.61 -7.51
C6 SGP F . 30.73 -4.44 -8.41
O6 SGP F . 30.76 -3.28 -7.95
N1 SGP F . 30.83 -4.67 -9.74
C2 SGP F . 30.82 -5.92 -10.25
N2 SGP F . 30.93 -6.08 -11.58
N3 SGP F . 30.70 -7.03 -9.49
C4 SGP F . 30.59 -6.94 -8.15
S SO4 G . -2.77 -0.25 12.75
O1 SO4 G . -2.69 0.89 13.67
O2 SO4 G . -1.74 -0.20 11.71
O3 SO4 G . -4.09 -0.24 12.12
O4 SO4 G . -2.63 -1.51 13.49
#